data_7B8A
#
_entry.id   7B8A
#
_cell.length_a   60.657
_cell.length_b   72.588
_cell.length_c   78.658
_cell.angle_alpha   90.000
_cell.angle_beta   90.000
_cell.angle_gamma   90.000
#
_symmetry.space_group_name_H-M   'P 21 21 21'
#
loop_
_entity.id
_entity.type
_entity.pdbx_description
1 polymer 'Palmitoleoyl-protein carboxylesterase NOTUM'
2 non-polymer 'SULFATE ION'
3 non-polymer 2-acetamido-2-deoxy-beta-D-glucopyranose
4 non-polymer 1-cyclohexyl-3-(2-pyridin-4-ylethyl)urea
5 non-polymer 1,2-ETHANEDIOL
6 water water
#
_entity_poly.entity_id   1
_entity_poly.type   'polypeptide(L)'
_entity_poly.pdbx_seq_one_letter_code
;ETGSAQQLNEDLRLHLLLNTSVTCNDGSPAGYYLKESRGSRRWLLFLEGGWYCFNRENCDSRYDTMRRLMSSRDWPRTRT
GTGILSSQPEENPYWWNANMVFIPYCSSDVWSGASSKSEKNEYAFMGALIIQEVVRELLGRGLSGAKVLLLAGSSAGGTG
VLLNVDRVAEQLEKLGYPAIQVRGLADSGWFLDNKQYRHTDCVDTITCAPTEAIRRGIRYWNGVVPERCRRQFQEGEEWN
CFFGYKVYPTLRSPVFVVQWLFDEAQLTVDNVHLTGQPVQEGLRLYIQNLGRELRHTLKDVPASFAPACLSHEIIIRSHW
TDVQVKGTSLPRALHCWDRSLHDSHKASKTPLKGCPVHLVDSCPWPHCNPSCPTGTKHHHHHH
;
_entity_poly.pdbx_strand_id   A
#
loop_
_chem_comp.id
_chem_comp.type
_chem_comp.name
_chem_comp.formula
AWP non-polymer 1-cyclohexyl-3-(2-pyridin-4-ylethyl)urea 'C14 H21 N3 O'
EDO non-polymer 1,2-ETHANEDIOL 'C2 H6 O2'
NAG D-saccharide, beta linking 2-acetamido-2-deoxy-beta-D-glucopyranose 'C8 H15 N O6'
SO4 non-polymer 'SULFATE ION' 'O4 S -2'
#
# COMPACT_ATOMS: atom_id res chain seq x y z
N ASP A 11 -1.92 15.99 16.16
CA ASP A 11 -0.83 15.05 16.39
C ASP A 11 -1.38 13.62 16.76
N LEU A 12 -0.73 12.63 16.18
CA LEU A 12 -1.00 11.21 16.46
C LEU A 12 0.04 10.75 17.48
N ARG A 13 -0.37 9.99 18.52
CA ARG A 13 0.52 9.61 19.64
C ARG A 13 0.95 8.15 19.54
N LEU A 14 2.25 7.89 19.77
CA LEU A 14 2.80 6.53 19.67
C LEU A 14 2.35 5.60 20.81
N HIS A 15 1.96 4.36 20.45
CA HIS A 15 1.75 3.24 21.38
C HIS A 15 2.59 2.08 20.87
N LEU A 16 3.56 1.62 21.68
CA LEU A 16 4.27 0.37 21.33
C LEU A 16 3.39 -0.82 21.67
N LEU A 17 3.45 -1.88 20.88
CA LEU A 17 2.57 -3.03 21.14
C LEU A 17 2.81 -3.62 22.52
N LEU A 18 1.70 -3.98 23.20
CA LEU A 18 1.79 -4.62 24.51
C LEU A 18 2.28 -6.06 24.38
N ASN A 19 1.99 -6.70 23.25
CA ASN A 19 2.54 -8.02 22.97
C ASN A 19 3.91 -7.80 22.36
N THR A 20 4.96 -7.83 23.18
CA THR A 20 6.28 -7.47 22.67
C THR A 20 6.95 -8.58 21.86
N SER A 21 6.29 -9.73 21.67
CA SER A 21 6.74 -10.74 20.72
CA SER A 21 6.77 -10.72 20.73
C SER A 21 6.44 -10.39 19.27
N VAL A 22 5.70 -9.31 19.03
CA VAL A 22 5.38 -8.88 17.68
C VAL A 22 6.31 -7.69 17.41
N THR A 23 7.32 -7.91 16.54
CA THR A 23 8.48 -7.03 16.51
C THR A 23 8.79 -6.52 15.10
N CYS A 24 9.49 -5.38 15.08
CA CYS A 24 10.22 -4.89 13.89
C CYS A 24 11.37 -5.85 13.55
N ASN A 25 12.08 -5.56 12.45
CA ASN A 25 13.15 -6.47 11.96
C ASN A 25 14.18 -6.82 13.02
N ASP A 26 14.62 -5.86 13.85
CA ASP A 26 15.72 -6.11 14.81
C ASP A 26 15.21 -6.59 16.18
N GLY A 27 13.93 -6.98 16.31
CA GLY A 27 13.38 -7.49 17.56
C GLY A 27 12.86 -6.41 18.51
N SER A 28 13.03 -5.12 18.20
CA SER A 28 12.35 -4.08 18.99
C SER A 28 10.82 -4.16 18.76
N PRO A 29 9.99 -3.73 19.72
CA PRO A 29 8.54 -3.88 19.52
C PRO A 29 8.03 -3.01 18.40
N ALA A 30 7.06 -3.54 17.66
CA ALA A 30 6.33 -2.74 16.66
C ALA A 30 5.33 -1.82 17.39
N GLY A 31 4.53 -1.06 16.64
CA GLY A 31 3.63 -0.09 17.28
C GLY A 31 2.69 0.58 16.28
N TYR A 32 1.99 1.61 16.78
CA TYR A 32 1.07 2.40 15.96
C TYR A 32 0.95 3.80 16.58
N TYR A 33 0.57 4.78 15.75
CA TYR A 33 0.26 6.15 16.19
C TYR A 33 -1.24 6.37 16.06
N LEU A 34 -1.85 6.93 17.10
CA LEU A 34 -3.32 7.06 17.19
C LEU A 34 -3.74 8.47 17.56
N LYS A 35 -4.71 9.00 16.82
CA LYS A 35 -5.47 10.18 17.28
C LYS A 35 -6.95 9.81 17.33
N GLU A 36 -7.61 9.90 18.46
CA GLU A 36 -8.86 9.28 18.30
C GLU A 36 -9.89 10.41 18.32
N SER A 37 -11.11 10.11 17.81
CA SER A 37 -12.17 11.11 17.56
C SER A 37 -13.40 10.55 18.26
N ARG A 38 -13.65 10.99 19.48
CA ARG A 38 -14.62 10.26 20.30
C ARG A 38 -16.04 10.31 19.73
N GLY A 39 -16.38 11.33 18.96
CA GLY A 39 -17.71 11.31 18.36
C GLY A 39 -17.87 10.52 17.06
N SER A 40 -16.90 9.67 16.68
CA SER A 40 -16.91 9.05 15.35
C SER A 40 -16.81 7.54 15.44
N ARG A 41 -17.56 6.85 14.56
CA ARG A 41 -17.50 5.39 14.45
C ARG A 41 -16.74 4.96 13.19
N ARG A 42 -15.99 5.88 12.56
CA ARG A 42 -15.12 5.53 11.43
C ARG A 42 -13.66 5.47 11.88
N TRP A 43 -12.94 4.45 11.40
CA TRP A 43 -11.54 4.21 11.75
C TRP A 43 -10.73 4.03 10.48
N LEU A 44 -9.65 4.82 10.35
CA LEU A 44 -8.76 4.73 9.19
C LEU A 44 -7.40 4.20 9.71
N LEU A 45 -6.97 3.02 9.21
CA LEU A 45 -5.67 2.41 9.58
C LEU A 45 -4.77 2.46 8.34
N PHE A 46 -3.67 3.23 8.40
CA PHE A 46 -2.81 3.47 7.23
C PHE A 46 -1.48 2.73 7.34
N LEU A 47 -1.15 1.95 6.28
CA LEU A 47 0.14 1.24 6.15
C LEU A 47 1.17 2.05 5.37
N GLU A 48 2.24 2.45 6.07
CA GLU A 48 3.41 3.10 5.46
C GLU A 48 4.10 2.18 4.43
N GLY A 49 4.72 2.79 3.41
CA GLY A 49 5.55 2.08 2.45
C GLY A 49 7.06 2.34 2.60
N GLY A 50 7.84 1.87 1.58
CA GLY A 50 9.28 2.07 1.53
C GLY A 50 10.12 0.85 1.15
N TRP A 51 9.84 0.26 -0.01
CA TRP A 51 10.65 -0.84 -0.61
C TRP A 51 10.57 -2.05 0.33
N TYR A 52 11.66 -2.84 0.41
CA TYR A 52 11.69 -4.11 1.14
C TYR A 52 13.14 -4.60 1.03
N CYS A 53 13.49 -5.68 1.77
CA CYS A 53 14.79 -6.34 1.56
C CYS A 53 14.53 -7.84 1.50
N PHE A 54 15.42 -8.61 0.86
CA PHE A 54 15.10 -10.01 0.58
C PHE A 54 16.24 -10.99 0.79
N ASN A 55 17.40 -10.58 1.34
CA ASN A 55 18.48 -11.47 1.74
C ASN A 55 19.31 -10.77 2.82
N ARG A 56 20.25 -11.53 3.40
CA ARG A 56 21.04 -11.01 4.52
C ARG A 56 21.79 -9.75 4.13
N GLU A 57 22.44 -9.76 2.95
CA GLU A 57 23.31 -8.65 2.55
C GLU A 57 22.50 -7.37 2.31
N ASN A 58 21.37 -7.46 1.57
CA ASN A 58 20.62 -6.21 1.34
C ASN A 58 19.82 -5.77 2.55
N CYS A 59 19.44 -6.70 3.45
CA CYS A 59 18.85 -6.26 4.73
C CYS A 59 19.89 -5.57 5.64
N ASP A 60 21.14 -6.08 5.68
CA ASP A 60 22.18 -5.42 6.47
C ASP A 60 22.44 -3.99 5.98
N SER A 61 22.44 -3.79 4.66
N SER A 61 22.47 -3.78 4.66
CA SER A 61 22.65 -2.46 4.10
CA SER A 61 22.67 -2.40 4.17
C SER A 61 21.52 -1.51 4.52
C SER A 61 21.51 -1.49 4.54
N ARG A 62 20.28 -1.98 4.40
CA ARG A 62 19.09 -1.21 4.81
C ARG A 62 19.13 -0.88 6.30
N TYR A 63 19.70 -1.74 7.13
CA TYR A 63 19.77 -1.47 8.57
C TYR A 63 20.69 -0.28 8.89
N ASP A 64 21.67 0.02 8.02
CA ASP A 64 22.54 1.14 8.33
C ASP A 64 22.03 2.50 7.87
N THR A 65 21.24 2.53 6.82
CA THR A 65 20.84 3.83 6.24
C THR A 65 19.34 4.04 6.11
N MET A 66 18.53 3.05 6.53
CA MET A 66 17.06 3.12 6.58
C MET A 66 16.53 2.51 7.87
N ARG A 67 17.21 2.80 8.99
CA ARG A 67 16.96 2.04 10.22
C ARG A 67 15.54 2.24 10.77
N ARG A 68 14.94 3.43 10.59
CA ARG A 68 13.58 3.61 11.09
C ARG A 68 12.59 2.66 10.42
N LEU A 69 12.94 2.12 9.24
CA LEU A 69 12.16 1.11 8.53
C LEU A 69 12.51 -0.33 8.97
N MET A 70 13.31 -0.50 10.06
CA MET A 70 13.70 -1.83 10.54
C MET A 70 13.72 -1.90 12.07
N SER A 71 13.31 -0.85 12.79
CA SER A 71 13.51 -0.77 14.24
C SER A 71 12.61 0.35 14.76
N SER A 72 12.10 0.18 16.00
CA SER A 72 11.37 1.26 16.68
C SER A 72 12.24 2.07 17.66
N ARG A 73 13.54 1.75 17.79
CA ARG A 73 14.36 2.35 18.84
C ARG A 73 14.39 3.87 18.80
N ASP A 74 14.32 4.47 17.60
CA ASP A 74 14.50 5.90 17.42
C ASP A 74 13.20 6.62 16.98
N TRP A 75 12.04 5.95 17.09
CA TRP A 75 10.77 6.55 16.68
C TRP A 75 10.44 7.75 17.58
N PRO A 76 9.86 8.81 17.02
CA PRO A 76 9.38 9.93 17.85
C PRO A 76 8.07 9.60 18.58
N ARG A 77 7.82 10.37 19.64
CA ARG A 77 6.63 10.11 20.46
C ARG A 77 5.33 10.49 19.74
N THR A 78 5.38 11.43 18.78
CA THR A 78 4.20 11.86 18.04
C THR A 78 4.56 12.05 16.57
N ARG A 79 3.51 12.09 15.72
CA ARG A 79 3.60 12.43 14.30
C ARG A 79 2.41 13.33 13.96
N THR A 80 2.56 14.13 12.91
CA THR A 80 1.47 14.99 12.42
C THR A 80 0.77 14.26 11.27
N GLY A 81 -0.56 14.18 11.33
CA GLY A 81 -1.30 13.59 10.21
C GLY A 81 -1.40 14.56 9.03
N THR A 82 -1.17 14.02 7.82
CA THR A 82 -1.20 14.81 6.60
C THR A 82 -2.07 14.11 5.55
N GLY A 83 -2.61 14.90 4.61
CA GLY A 83 -3.49 14.37 3.56
C GLY A 83 -4.72 13.70 4.16
N ILE A 84 -4.95 12.44 3.76
CA ILE A 84 -6.08 11.68 4.26
C ILE A 84 -5.98 11.42 5.79
N LEU A 85 -4.79 11.56 6.40
CA LEU A 85 -4.63 11.45 7.87
C LEU A 85 -4.76 12.80 8.58
N SER A 86 -5.01 13.90 7.86
CA SER A 86 -5.25 15.19 8.54
C SER A 86 -6.64 15.27 9.15
N SER A 87 -6.72 15.92 10.32
CA SER A 87 -7.98 16.18 11.02
C SER A 87 -8.59 17.55 10.69
N GLN A 88 -8.01 18.30 9.74
CA GLN A 88 -8.56 19.59 9.30
C GLN A 88 -9.35 19.43 8.01
N PRO A 89 -10.63 19.84 7.97
CA PRO A 89 -11.40 19.67 6.70
C PRO A 89 -10.80 20.42 5.52
N GLU A 90 -10.09 21.54 5.79
CA GLU A 90 -9.40 22.26 4.71
C GLU A 90 -8.43 21.38 3.93
N GLU A 91 -7.70 20.50 4.64
CA GLU A 91 -6.71 19.60 4.04
C GLU A 91 -7.29 18.23 3.70
N ASN A 92 -8.31 17.75 4.44
CA ASN A 92 -8.91 16.42 4.23
C ASN A 92 -10.44 16.56 4.14
N PRO A 93 -10.97 16.84 2.92
CA PRO A 93 -12.42 16.98 2.78
C PRO A 93 -13.15 15.66 3.01
N TYR A 94 -12.45 14.52 2.92
CA TYR A 94 -13.09 13.20 2.95
C TYR A 94 -13.40 12.72 4.37
N TRP A 95 -12.37 12.48 5.23
CA TRP A 95 -12.55 11.79 6.52
C TRP A 95 -11.91 12.53 7.69
N TRP A 96 -11.98 13.88 7.68
CA TRP A 96 -11.27 14.70 8.69
C TRP A 96 -11.69 14.36 10.13
N ASN A 97 -12.92 13.88 10.35
CA ASN A 97 -13.39 13.62 11.72
C ASN A 97 -13.23 12.16 12.16
N ALA A 98 -12.54 11.32 11.37
CA ALA A 98 -12.37 9.91 11.75
C ALA A 98 -11.31 9.71 12.83
N ASN A 99 -11.38 8.53 13.48
CA ASN A 99 -10.26 8.05 14.28
C ASN A 99 -9.12 7.68 13.33
N MET A 100 -7.92 8.19 13.61
CA MET A 100 -6.76 8.09 12.70
C MET A 100 -5.67 7.21 13.29
N VAL A 101 -5.15 6.26 12.50
CA VAL A 101 -4.08 5.35 12.93
C VAL A 101 -3.04 5.27 11.81
N PHE A 102 -1.76 5.57 12.14
CA PHE A 102 -0.61 5.41 11.23
C PHE A 102 0.22 4.23 11.76
N ILE A 103 0.39 3.19 10.95
CA ILE A 103 1.16 2.00 11.34
C ILE A 103 2.52 2.08 10.64
N PRO A 104 3.62 2.34 11.36
CA PRO A 104 4.94 2.40 10.69
C PRO A 104 5.33 1.06 10.09
N TYR A 105 6.03 1.16 8.94
CA TYR A 105 6.54 -0.01 8.20
C TYR A 105 7.93 -0.32 8.74
N CYS A 106 8.07 -1.37 9.57
CA CYS A 106 9.37 -1.73 10.13
C CYS A 106 9.70 -3.22 9.96
N SER A 107 9.04 -3.87 8.97
CA SER A 107 9.23 -5.30 8.73
C SER A 107 9.82 -5.64 7.35
N SER A 108 9.92 -4.68 6.42
CA SER A 108 10.72 -4.87 5.19
C SER A 108 10.28 -6.04 4.30
N ASP A 109 8.95 -6.39 4.36
CA ASP A 109 8.39 -7.63 3.80
C ASP A 109 7.08 -7.40 3.04
N VAL A 110 6.81 -6.16 2.63
CA VAL A 110 5.59 -5.73 1.92
C VAL A 110 4.38 -6.18 2.79
N TRP A 111 4.52 -6.16 4.13
CA TRP A 111 3.44 -6.48 5.07
C TRP A 111 2.97 -7.94 5.00
N SER A 112 3.84 -8.85 4.52
CA SER A 112 3.48 -10.24 4.29
C SER A 112 4.05 -11.22 5.30
N GLY A 113 5.01 -10.83 6.14
CA GLY A 113 5.81 -11.82 6.84
C GLY A 113 5.15 -12.38 8.09
N ALA A 114 5.56 -13.63 8.42
CA ALA A 114 5.16 -14.29 9.65
C ALA A 114 6.31 -15.14 10.21
N SER A 115 7.43 -14.48 10.58
N SER A 115 7.46 -14.49 10.51
CA SER A 115 8.64 -15.18 11.05
CA SER A 115 8.63 -15.19 11.08
C SER A 115 9.37 -14.34 12.10
C SER A 115 9.33 -14.34 12.13
N SER A 116 9.79 -14.99 13.19
CA SER A 116 10.46 -14.30 14.32
C SER A 116 11.98 -14.34 14.17
N LYS A 117 12.65 -13.37 14.81
CA LYS A 117 14.11 -13.45 15.01
C LYS A 117 14.43 -14.59 15.97
N SER A 118 15.47 -15.38 15.67
CA SER A 118 15.72 -16.66 16.37
C SER A 118 17.15 -17.11 16.10
N GLU A 119 17.50 -18.32 16.61
CA GLU A 119 18.84 -18.84 16.38
C GLU A 119 19.13 -19.02 14.89
N LYS A 120 18.09 -19.22 14.07
CA LYS A 120 18.26 -19.44 12.63
C LYS A 120 17.95 -18.21 11.78
N ASN A 121 17.43 -17.12 12.39
CA ASN A 121 16.95 -15.94 11.64
C ASN A 121 17.57 -14.69 12.27
N GLU A 122 18.45 -13.99 11.53
CA GLU A 122 19.03 -12.73 11.99
C GLU A 122 17.99 -11.63 12.15
N TYR A 123 16.97 -11.62 11.30
CA TYR A 123 15.88 -10.63 11.34
C TYR A 123 14.52 -11.29 11.50
N ALA A 124 13.57 -10.54 12.11
CA ALA A 124 12.16 -10.93 12.19
C ALA A 124 11.42 -10.27 11.01
N PHE A 125 10.50 -10.99 10.36
CA PHE A 125 9.65 -10.41 9.29
C PHE A 125 8.20 -10.69 9.69
N MET A 126 7.57 -9.71 10.34
CA MET A 126 6.29 -9.93 11.04
C MET A 126 5.16 -9.03 10.52
N GLY A 127 5.28 -8.46 9.29
CA GLY A 127 4.27 -7.53 8.82
C GLY A 127 2.80 -7.99 8.92
N ALA A 128 2.52 -9.24 8.54
CA ALA A 128 1.12 -9.73 8.61
C ALA A 128 0.65 -9.82 10.05
N LEU A 129 1.54 -10.18 10.97
CA LEU A 129 1.22 -10.27 12.40
C LEU A 129 1.11 -8.90 13.05
N ILE A 130 1.91 -7.92 12.63
CA ILE A 130 1.81 -6.55 13.15
C ILE A 130 0.42 -6.01 12.92
N ILE A 131 -0.11 -6.14 11.68
CA ILE A 131 -1.47 -5.65 11.40
C ILE A 131 -2.50 -6.32 12.31
N GLN A 132 -2.44 -7.66 12.45
CA GLN A 132 -3.39 -8.35 13.32
CA GLN A 132 -3.37 -8.37 13.33
C GLN A 132 -3.31 -7.87 14.77
N GLU A 133 -2.08 -7.62 15.28
CA GLU A 133 -1.93 -7.23 16.68
C GLU A 133 -2.41 -5.79 16.91
N VAL A 134 -2.15 -4.88 15.95
CA VAL A 134 -2.68 -3.52 16.07
C VAL A 134 -4.21 -3.55 16.15
N VAL A 135 -4.85 -4.31 15.25
CA VAL A 135 -6.32 -4.41 15.27
C VAL A 135 -6.82 -4.94 16.63
N ARG A 136 -6.17 -6.00 17.14
CA ARG A 136 -6.57 -6.57 18.43
C ARG A 136 -6.52 -5.53 19.55
N GLU A 137 -5.40 -4.79 19.63
CA GLU A 137 -5.22 -3.85 20.74
C GLU A 137 -6.16 -2.65 20.59
N LEU A 138 -6.47 -2.22 19.36
CA LEU A 138 -7.40 -1.11 19.14
C LEU A 138 -8.83 -1.46 19.58
N LEU A 139 -9.22 -2.74 19.51
CA LEU A 139 -10.59 -3.13 19.90
C LEU A 139 -10.88 -2.77 21.35
N GLY A 140 -9.84 -2.75 22.20
CA GLY A 140 -10.01 -2.27 23.58
C GLY A 140 -9.99 -0.76 23.76
N ARG A 141 -9.65 0.00 22.71
CA ARG A 141 -9.55 1.46 22.74
C ARG A 141 -10.65 2.11 21.91
N GLY A 142 -11.73 1.41 21.61
CA GLY A 142 -12.86 2.00 20.91
C GLY A 142 -13.18 1.41 19.55
N LEU A 143 -12.26 0.64 18.93
CA LEU A 143 -12.60 0.06 17.63
C LEU A 143 -13.75 -0.94 17.73
N SER A 144 -14.03 -1.49 18.92
CA SER A 144 -15.18 -2.39 19.12
C SER A 144 -16.50 -1.72 18.74
N GLY A 145 -16.60 -0.39 18.82
CA GLY A 145 -17.82 0.29 18.43
C GLY A 145 -17.87 0.80 17.01
N ALA A 146 -16.93 0.39 16.15
CA ALA A 146 -16.84 0.96 14.81
C ALA A 146 -17.96 0.49 13.88
N LYS A 147 -18.27 1.34 12.90
CA LYS A 147 -19.13 0.96 11.79
C LYS A 147 -18.33 0.67 10.51
N VAL A 148 -17.19 1.33 10.31
CA VAL A 148 -16.36 1.12 9.11
C VAL A 148 -14.90 1.17 9.54
N LEU A 149 -14.12 0.16 9.12
CA LEU A 149 -12.66 0.15 9.26
C LEU A 149 -12.10 0.20 7.83
N LEU A 150 -11.47 1.32 7.46
CA LEU A 150 -10.82 1.46 6.16
C LEU A 150 -9.32 1.19 6.34
N LEU A 151 -8.81 0.09 5.75
CA LEU A 151 -7.38 -0.25 5.73
C LEU A 151 -6.81 0.40 4.46
N ALA A 152 -6.00 1.44 4.63
CA ALA A 152 -5.41 2.19 3.54
C ALA A 152 -3.88 2.00 3.56
N GLY A 153 -3.20 2.40 2.50
CA GLY A 153 -1.72 2.34 2.48
C GLY A 153 -1.18 2.82 1.16
N SER A 154 0.10 3.27 1.20
CA SER A 154 0.78 3.78 0.01
C SER A 154 2.03 2.96 -0.33
N SER A 155 2.25 2.73 -1.63
CA SER A 155 3.44 2.08 -2.18
CA SER A 155 3.47 2.10 -2.16
C SER A 155 3.53 0.65 -1.66
N ALA A 156 4.62 0.23 -1.00
CA ALA A 156 4.60 -1.12 -0.42
C ALA A 156 3.39 -1.31 0.55
N GLY A 157 2.94 -0.22 1.21
CA GLY A 157 1.73 -0.28 2.03
C GLY A 157 0.45 -0.48 1.22
N GLY A 158 0.41 0.06 -0.02
CA GLY A 158 -0.75 -0.22 -0.86
C GLY A 158 -0.84 -1.69 -1.29
N THR A 159 0.32 -2.28 -1.65
CA THR A 159 0.35 -3.72 -1.89
C THR A 159 -0.05 -4.48 -0.62
N GLY A 160 0.42 -3.97 0.56
CA GLY A 160 0.03 -4.54 1.85
C GLY A 160 -1.48 -4.56 2.12
N VAL A 161 -2.21 -3.54 1.64
CA VAL A 161 -3.68 -3.53 1.76
C VAL A 161 -4.26 -4.73 0.99
N LEU A 162 -3.80 -4.90 -0.26
CA LEU A 162 -4.32 -6.01 -1.08
C LEU A 162 -4.04 -7.38 -0.42
N LEU A 163 -2.88 -7.56 0.21
CA LEU A 163 -2.52 -8.82 0.86
C LEU A 163 -3.28 -9.06 2.18
N ASN A 164 -3.73 -8.01 2.86
CA ASN A 164 -4.20 -8.13 4.26
C ASN A 164 -5.67 -7.78 4.53
N VAL A 165 -6.36 -7.07 3.61
CA VAL A 165 -7.70 -6.57 3.92
C VAL A 165 -8.69 -7.71 4.27
N ASP A 166 -8.68 -8.82 3.50
CA ASP A 166 -9.58 -9.94 3.82
C ASP A 166 -9.16 -10.68 5.10
N ARG A 167 -7.88 -10.68 5.46
CA ARG A 167 -7.50 -11.25 6.76
C ARG A 167 -8.02 -10.43 7.94
N VAL A 168 -8.01 -9.10 7.84
CA VAL A 168 -8.62 -8.26 8.89
C VAL A 168 -10.11 -8.52 9.01
N ALA A 169 -10.80 -8.67 7.86
CA ALA A 169 -12.23 -9.02 7.88
C ALA A 169 -12.48 -10.34 8.58
N GLU A 170 -11.67 -11.37 8.26
CA GLU A 170 -11.82 -12.68 8.91
C GLU A 170 -11.53 -12.60 10.42
N GLN A 171 -10.49 -11.87 10.79
CA GLN A 171 -10.12 -11.72 12.21
C GLN A 171 -11.29 -11.12 13.01
N LEU A 172 -11.90 -10.05 12.47
CA LEU A 172 -12.99 -9.39 13.19
C LEU A 172 -14.21 -10.31 13.30
N GLU A 173 -14.49 -11.10 12.24
CA GLU A 173 -15.60 -12.06 12.31
C GLU A 173 -15.36 -13.10 13.39
N LYS A 174 -14.14 -13.64 13.44
CA LYS A 174 -13.85 -14.71 14.40
C LYS A 174 -13.81 -14.20 15.83
N LEU A 175 -13.47 -12.90 16.03
CA LEU A 175 -13.49 -12.28 17.36
C LEU A 175 -14.90 -11.84 17.80
N GLY A 176 -15.91 -11.93 16.93
CA GLY A 176 -17.28 -11.63 17.30
C GLY A 176 -17.72 -10.20 17.01
N TYR A 177 -17.16 -9.57 16.00
CA TYR A 177 -17.52 -8.20 15.59
C TYR A 177 -18.00 -8.21 14.14
N PRO A 178 -19.13 -8.87 13.86
CA PRO A 178 -19.60 -8.94 12.46
C PRO A 178 -20.16 -7.63 11.89
N ALA A 179 -20.48 -6.62 12.71
CA ALA A 179 -21.07 -5.37 12.22
C ALA A 179 -20.05 -4.36 11.72
N ILE A 180 -18.76 -4.59 11.93
CA ILE A 180 -17.74 -3.66 11.44
C ILE A 180 -17.51 -3.94 9.96
N GLN A 181 -17.73 -2.95 9.10
CA GLN A 181 -17.52 -3.15 7.65
C GLN A 181 -16.08 -2.84 7.30
N VAL A 182 -15.34 -3.86 6.83
CA VAL A 182 -13.92 -3.71 6.49
C VAL A 182 -13.80 -3.41 4.99
N ARG A 183 -13.03 -2.37 4.66
CA ARG A 183 -12.82 -1.93 3.29
C ARG A 183 -11.33 -1.62 3.09
N GLY A 184 -10.86 -1.59 1.83
CA GLY A 184 -9.46 -1.28 1.53
C GLY A 184 -9.27 -0.12 0.56
N LEU A 185 -8.16 0.63 0.74
CA LEU A 185 -7.81 1.74 -0.15
C LEU A 185 -6.33 1.54 -0.48
N ALA A 186 -6.02 1.06 -1.70
CA ALA A 186 -4.66 0.70 -2.10
C ALA A 186 -4.10 1.79 -3.03
N ASP A 187 -3.13 2.59 -2.54
CA ASP A 187 -2.53 3.70 -3.29
C ASP A 187 -1.12 3.32 -3.76
N SER A 188 -0.88 3.38 -5.09
CA SER A 188 0.49 3.19 -5.63
C SER A 188 1.06 1.79 -5.34
N GLY A 189 0.17 0.79 -5.21
CA GLY A 189 0.60 -0.58 -4.96
C GLY A 189 0.17 -1.57 -6.03
N TRP A 190 -0.25 -1.08 -7.22
CA TRP A 190 -0.81 -1.91 -8.32
C TRP A 190 0.19 -1.98 -9.48
N PHE A 191 1.02 -3.01 -9.51
CA PHE A 191 2.13 -3.16 -10.44
C PHE A 191 1.85 -4.20 -11.52
N LEU A 192 2.54 -4.05 -12.66
CA LEU A 192 2.52 -5.05 -13.75
C LEU A 192 3.82 -5.85 -13.76
N ASP A 193 3.69 -7.17 -13.90
CA ASP A 193 4.82 -8.08 -14.16
C ASP A 193 5.11 -8.14 -15.67
N ASN A 194 5.43 -6.96 -16.22
CA ASN A 194 5.51 -6.73 -17.67
C ASN A 194 6.91 -6.95 -18.21
N LYS A 195 6.99 -6.96 -19.55
CA LYS A 195 8.26 -6.91 -20.24
C LYS A 195 9.00 -5.62 -19.87
N GLN A 196 10.25 -5.74 -19.44
CA GLN A 196 11.07 -4.58 -19.07
C GLN A 196 11.75 -3.91 -20.27
N TYR A 197 12.14 -2.62 -20.10
CA TYR A 197 12.73 -1.86 -21.22
C TYR A 197 14.16 -2.30 -21.52
N ARG A 198 14.96 -2.58 -20.47
CA ARG A 198 16.25 -3.29 -20.59
C ARG A 198 16.25 -4.39 -19.51
N HIS A 199 17.12 -5.41 -19.70
CA HIS A 199 16.95 -6.72 -19.03
C HIS A 199 18.29 -7.16 -18.43
N THR A 200 18.28 -7.69 -17.18
CA THR A 200 19.45 -8.32 -16.57
C THR A 200 19.01 -9.56 -15.79
N ASP A 201 19.83 -10.61 -15.79
CA ASP A 201 19.52 -11.75 -14.95
C ASP A 201 19.74 -11.38 -13.49
N CYS A 202 19.01 -12.06 -12.59
CA CYS A 202 18.98 -11.73 -11.16
C CYS A 202 20.24 -12.26 -10.46
N VAL A 203 21.26 -11.41 -10.35
CA VAL A 203 22.52 -11.78 -9.70
C VAL A 203 22.79 -10.98 -8.43
N ASP A 204 22.11 -9.85 -8.22
CA ASP A 204 22.28 -9.01 -7.03
C ASP A 204 21.02 -8.16 -6.88
N THR A 205 21.02 -7.24 -5.92
CA THR A 205 19.83 -6.43 -5.68
C THR A 205 19.44 -5.61 -6.89
N ILE A 206 20.41 -4.91 -7.49
CA ILE A 206 20.06 -3.96 -8.56
C ILE A 206 19.60 -4.65 -9.85
N THR A 207 20.06 -5.87 -10.10
CA THR A 207 19.71 -6.58 -11.34
C THR A 207 18.47 -7.47 -11.22
N CYS A 208 17.93 -7.68 -10.02
CA CYS A 208 16.83 -8.64 -9.82
CA CYS A 208 16.85 -8.63 -9.81
C CYS A 208 15.48 -7.99 -10.09
N ALA A 209 14.79 -8.47 -11.15
CA ALA A 209 13.43 -8.03 -11.45
C ALA A 209 12.48 -8.32 -10.28
N PRO A 210 11.39 -7.55 -10.15
CA PRO A 210 10.43 -7.76 -9.05
C PRO A 210 9.91 -9.18 -8.90
N THR A 211 9.60 -9.89 -10.00
CA THR A 211 9.07 -11.24 -9.82
C THR A 211 10.07 -12.13 -9.13
N GLU A 212 11.36 -12.01 -9.51
CA GLU A 212 12.42 -12.83 -8.92
C GLU A 212 12.73 -12.41 -7.48
N ALA A 213 12.73 -11.10 -7.21
CA ALA A 213 13.03 -10.63 -5.86
C ALA A 213 11.94 -11.02 -4.88
N ILE A 214 10.67 -10.92 -5.29
CA ILE A 214 9.53 -11.31 -4.46
C ILE A 214 9.52 -12.84 -4.23
N ARG A 215 9.82 -13.66 -5.27
CA ARG A 215 9.94 -15.10 -5.03
C ARG A 215 10.97 -15.41 -3.92
N ARG A 216 12.14 -14.77 -3.98
CA ARG A 216 13.15 -14.97 -2.93
C ARG A 216 12.67 -14.42 -1.57
N GLY A 217 12.05 -13.24 -1.58
CA GLY A 217 11.57 -12.65 -0.33
C GLY A 217 10.58 -13.53 0.39
N ILE A 218 9.58 -14.07 -0.34
CA ILE A 218 8.59 -14.92 0.33
C ILE A 218 9.25 -16.04 1.14
N ARG A 219 10.25 -16.72 0.54
CA ARG A 219 10.96 -17.76 1.27
C ARG A 219 11.75 -17.22 2.47
N TYR A 220 12.43 -16.07 2.33
CA TYR A 220 13.23 -15.49 3.42
C TYR A 220 12.36 -14.99 4.57
N TRP A 221 11.14 -14.52 4.28
CA TRP A 221 10.25 -13.88 5.24
C TRP A 221 9.25 -14.86 5.86
N ASN A 222 9.10 -16.07 5.31
CA ASN A 222 7.89 -16.88 5.50
C ASN A 222 6.64 -16.03 5.18
N GLY A 223 6.60 -15.53 3.94
CA GLY A 223 5.52 -14.63 3.53
C GLY A 223 4.20 -15.35 3.31
N VAL A 224 3.10 -14.65 3.61
CA VAL A 224 1.74 -15.21 3.49
C VAL A 224 0.93 -14.33 2.56
N VAL A 225 0.04 -14.98 1.80
CA VAL A 225 -0.83 -14.33 0.82
C VAL A 225 -2.29 -14.70 1.09
N PRO A 226 -3.25 -13.98 0.52
CA PRO A 226 -4.67 -14.32 0.78
C PRO A 226 -4.98 -15.76 0.32
N GLU A 227 -5.75 -16.50 1.14
CA GLU A 227 -5.97 -17.93 0.86
C GLU A 227 -6.62 -18.21 -0.52
N ARG A 228 -7.62 -17.43 -0.94
CA ARG A 228 -8.28 -17.75 -2.21
C ARG A 228 -7.31 -17.59 -3.39
N CYS A 229 -6.42 -16.60 -3.32
CA CYS A 229 -5.35 -16.46 -4.34
C CYS A 229 -4.30 -17.58 -4.24
N ARG A 230 -3.91 -17.96 -3.02
CA ARG A 230 -2.96 -19.07 -2.84
C ARG A 230 -3.49 -20.36 -3.43
N ARG A 231 -4.79 -20.63 -3.26
CA ARG A 231 -5.38 -21.86 -3.81
C ARG A 231 -5.38 -21.89 -5.34
N GLN A 232 -5.43 -20.72 -6.00
CA GLN A 232 -5.37 -20.69 -7.47
C GLN A 232 -3.94 -21.00 -7.99
N PHE A 233 -2.95 -20.32 -7.41
CA PHE A 233 -1.57 -20.38 -7.95
C PHE A 233 -0.74 -21.51 -7.36
N GLN A 234 -1.08 -21.95 -6.12
CA GLN A 234 -0.50 -23.12 -5.45
C GLN A 234 0.96 -22.99 -5.01
N GLU A 235 1.47 -24.06 -4.38
CA GLU A 235 2.75 -23.99 -3.70
C GLU A 235 3.87 -23.56 -4.63
N GLY A 236 4.71 -22.64 -4.15
CA GLY A 236 5.83 -22.16 -4.92
C GLY A 236 5.54 -20.96 -5.80
N GLU A 237 4.26 -20.68 -6.14
CA GLU A 237 3.85 -19.64 -7.07
CA GLU A 237 3.90 -19.62 -7.06
C GLU A 237 3.11 -18.49 -6.38
N GLU A 238 3.29 -18.33 -5.07
CA GLU A 238 2.63 -17.29 -4.28
C GLU A 238 3.03 -15.88 -4.69
N TRP A 239 4.18 -15.69 -5.38
CA TRP A 239 4.57 -14.36 -5.88
C TRP A 239 3.48 -13.71 -6.75
N ASN A 240 2.68 -14.53 -7.44
CA ASN A 240 1.63 -13.97 -8.32
C ASN A 240 0.67 -13.09 -7.55
N CYS A 241 0.42 -13.42 -6.26
CA CYS A 241 -0.57 -12.73 -5.43
C CYS A 241 -0.09 -11.36 -4.96
N PHE A 242 1.17 -10.98 -5.25
CA PHE A 242 1.67 -9.62 -4.98
C PHE A 242 1.34 -8.64 -6.11
N PHE A 243 0.75 -9.15 -7.22
CA PHE A 243 0.39 -8.32 -8.39
C PHE A 243 -1.11 -8.05 -8.34
N GLY A 244 -1.46 -6.76 -8.17
CA GLY A 244 -2.85 -6.35 -7.96
C GLY A 244 -3.89 -6.97 -8.89
N TYR A 245 -3.61 -6.97 -10.20
CA TYR A 245 -4.61 -7.46 -11.17
C TYR A 245 -4.88 -8.96 -11.01
N LYS A 246 -3.95 -9.71 -10.37
CA LYS A 246 -4.16 -11.15 -10.09
C LYS A 246 -4.81 -11.42 -8.73
N VAL A 247 -4.47 -10.65 -7.71
CA VAL A 247 -5.07 -10.87 -6.38
C VAL A 247 -6.45 -10.24 -6.23
N TYR A 248 -6.67 -9.05 -6.81
CA TYR A 248 -7.93 -8.31 -6.64
C TYR A 248 -9.18 -9.15 -6.92
N PRO A 249 -9.27 -9.93 -8.01
CA PRO A 249 -10.51 -10.70 -8.28
C PRO A 249 -10.82 -11.77 -7.24
N THR A 250 -9.85 -12.11 -6.38
CA THR A 250 -10.03 -13.12 -5.33
C THR A 250 -10.52 -12.52 -4.02
N LEU A 251 -10.57 -11.19 -3.92
CA LEU A 251 -10.89 -10.51 -2.65
C LEU A 251 -12.37 -10.29 -2.52
N ARG A 252 -12.88 -10.37 -1.29
CA ARG A 252 -14.28 -10.13 -1.00
C ARG A 252 -14.57 -8.75 -0.41
N SER A 253 -13.64 -8.13 0.32
CA SER A 253 -13.91 -6.78 0.87
C SER A 253 -13.88 -5.76 -0.26
N PRO A 254 -14.70 -4.69 -0.18
CA PRO A 254 -14.62 -3.62 -1.21
C PRO A 254 -13.26 -2.95 -1.17
N VAL A 255 -12.64 -2.76 -2.35
CA VAL A 255 -11.32 -2.16 -2.47
C VAL A 255 -11.32 -1.06 -3.54
N PHE A 256 -10.93 0.15 -3.14
CA PHE A 256 -10.72 1.30 -4.03
C PHE A 256 -9.24 1.36 -4.41
N VAL A 257 -8.94 1.42 -5.71
CA VAL A 257 -7.56 1.38 -6.24
C VAL A 257 -7.13 2.74 -6.76
N VAL A 258 -6.08 3.34 -6.17
CA VAL A 258 -5.49 4.60 -6.67
C VAL A 258 -4.15 4.25 -7.30
N GLN A 259 -3.94 4.65 -8.56
CA GLN A 259 -2.72 4.26 -9.26
C GLN A 259 -2.38 5.24 -10.39
N TRP A 260 -1.25 5.95 -10.26
CA TRP A 260 -0.76 6.73 -11.40
C TRP A 260 -0.54 5.80 -12.58
N LEU A 261 -0.87 6.26 -13.81
CA LEU A 261 -0.68 5.39 -14.97
C LEU A 261 0.81 5.19 -15.30
N PHE A 262 1.65 6.17 -14.95
CA PHE A 262 3.09 6.11 -15.23
C PHE A 262 3.83 6.22 -13.90
N ASP A 263 3.61 5.26 -13.00
CA ASP A 263 4.17 5.35 -11.64
C ASP A 263 5.70 5.28 -11.70
N GLU A 264 6.37 6.19 -10.98
CA GLU A 264 7.84 6.20 -11.03
C GLU A 264 8.46 4.89 -10.52
N ALA A 265 7.85 4.20 -9.55
CA ALA A 265 8.41 2.91 -9.10
C ALA A 265 8.25 1.83 -10.18
N GLN A 266 7.10 1.82 -10.87
CA GLN A 266 6.95 0.89 -12.01
C GLN A 266 8.02 1.15 -13.08
N LEU A 267 8.25 2.41 -13.45
CA LEU A 267 9.28 2.69 -14.43
C LEU A 267 10.68 2.28 -13.96
N THR A 268 10.98 2.52 -12.67
CA THR A 268 12.27 2.12 -12.11
C THR A 268 12.50 0.61 -12.22
N VAL A 269 11.50 -0.21 -11.86
CA VAL A 269 11.69 -1.67 -11.93
C VAL A 269 11.67 -2.17 -13.35
N ASP A 270 11.20 -1.37 -14.29
CA ASP A 270 11.26 -1.65 -15.72
C ASP A 270 12.55 -1.16 -16.37
N ASN A 271 13.47 -0.59 -15.56
CA ASN A 271 14.77 -0.11 -16.03
C ASN A 271 14.63 1.08 -16.99
N VAL A 272 13.65 1.96 -16.72
CA VAL A 272 13.44 3.23 -17.43
C VAL A 272 13.84 4.38 -16.53
N HIS A 273 14.66 5.30 -17.06
CA HIS A 273 15.10 6.50 -16.33
C HIS A 273 14.97 7.73 -17.22
N LEU A 274 13.95 8.52 -16.94
CA LEU A 274 13.71 9.81 -17.57
C LEU A 274 14.89 10.73 -17.26
N THR A 275 15.53 11.27 -18.29
CA THR A 275 16.80 11.98 -18.06
C THR A 275 17.14 12.87 -19.24
N GLY A 276 17.27 14.16 -18.99
CA GLY A 276 17.80 15.08 -19.98
C GLY A 276 16.95 15.27 -21.22
N GLN A 277 15.72 14.78 -21.24
CA GLN A 277 14.78 15.04 -22.32
C GLN A 277 15.29 14.62 -23.70
N PRO A 278 15.37 13.33 -24.01
CA PRO A 278 15.60 12.96 -25.40
C PRO A 278 14.85 11.68 -25.76
N VAL A 279 13.52 11.66 -25.72
CA VAL A 279 12.79 10.39 -25.77
C VAL A 279 12.67 9.90 -27.22
N GLN A 280 13.39 8.83 -27.56
CA GLN A 280 13.32 8.31 -28.92
C GLN A 280 12.19 7.29 -29.10
N GLU A 281 11.99 6.86 -30.36
CA GLU A 281 10.79 6.11 -30.74
C GLU A 281 10.58 4.86 -29.90
N GLY A 282 11.64 4.08 -29.65
CA GLY A 282 11.47 2.85 -28.88
C GLY A 282 10.94 3.09 -27.47
N LEU A 283 11.51 4.07 -26.77
CA LEU A 283 11.04 4.40 -25.44
C LEU A 283 9.65 5.05 -25.47
N ARG A 284 9.36 5.90 -26.49
CA ARG A 284 8.02 6.47 -26.61
CA ARG A 284 8.02 6.47 -26.63
C ARG A 284 6.96 5.37 -26.69
N LEU A 285 7.18 4.38 -27.58
CA LEU A 285 6.22 3.28 -27.69
C LEU A 285 6.12 2.47 -26.41
N TYR A 286 7.27 2.25 -25.73
CA TYR A 286 7.26 1.52 -24.45
C TYR A 286 6.38 2.20 -23.41
N ILE A 287 6.56 3.51 -23.23
CA ILE A 287 5.79 4.26 -22.24
C ILE A 287 4.31 4.28 -22.62
N GLN A 288 4.01 4.49 -23.91
CA GLN A 288 2.59 4.54 -24.29
C GLN A 288 1.92 3.18 -24.06
N ASN A 289 2.63 2.09 -24.34
CA ASN A 289 2.08 0.76 -24.11
C ASN A 289 1.89 0.48 -22.63
N LEU A 290 2.81 0.94 -21.76
CA LEU A 290 2.63 0.78 -20.31
C LEU A 290 1.33 1.43 -19.83
N GLY A 291 1.06 2.67 -20.27
CA GLY A 291 -0.18 3.31 -19.84
C GLY A 291 -1.41 2.56 -20.33
N ARG A 292 -1.40 2.09 -21.58
CA ARG A 292 -2.52 1.30 -22.11
C ARG A 292 -2.72 0.00 -21.33
N GLU A 293 -1.63 -0.70 -21.01
CA GLU A 293 -1.75 -1.95 -20.23
C GLU A 293 -2.30 -1.69 -18.82
N LEU A 294 -1.89 -0.60 -18.19
CA LEU A 294 -2.29 -0.38 -16.81
C LEU A 294 -3.83 -0.02 -16.86
N ARG A 295 -4.25 0.84 -17.84
CA ARG A 295 -5.69 1.16 -18.03
C ARG A 295 -6.51 -0.10 -18.29
N HIS A 296 -5.97 -1.04 -19.11
CA HIS A 296 -6.67 -2.29 -19.37
C HIS A 296 -6.94 -3.08 -18.08
N THR A 297 -5.94 -3.15 -17.18
CA THR A 297 -6.12 -3.92 -15.93
C THR A 297 -7.17 -3.30 -15.02
N LEU A 298 -7.48 -1.98 -15.19
CA LEU A 298 -8.43 -1.28 -14.32
C LEU A 298 -9.83 -1.22 -14.93
N LYS A 299 -10.05 -1.77 -16.13
CA LYS A 299 -11.30 -1.53 -16.86
C LYS A 299 -12.49 -2.05 -16.07
N ASP A 300 -12.35 -3.20 -15.40
CA ASP A 300 -13.43 -3.82 -14.64
C ASP A 300 -13.25 -3.66 -13.10
N VAL A 301 -12.52 -2.64 -12.65
CA VAL A 301 -12.38 -2.26 -11.23
C VAL A 301 -13.31 -1.07 -10.99
N PRO A 302 -14.49 -1.26 -10.35
CA PRO A 302 -15.49 -0.19 -10.32
C PRO A 302 -15.12 1.02 -9.46
N ALA A 303 -14.25 0.90 -8.46
CA ALA A 303 -13.85 2.02 -7.60
C ALA A 303 -12.36 2.23 -7.83
N SER A 304 -12.00 3.27 -8.61
CA SER A 304 -10.60 3.48 -8.97
C SER A 304 -10.36 4.93 -9.40
N PHE A 305 -9.11 5.39 -9.23
CA PHE A 305 -8.70 6.75 -9.56
C PHE A 305 -7.28 6.64 -10.15
N ALA A 306 -7.15 6.87 -11.47
CA ALA A 306 -5.90 6.55 -12.20
C ALA A 306 -5.53 7.66 -13.17
N PRO A 307 -4.82 8.70 -12.68
CA PRO A 307 -4.45 9.84 -13.53
C PRO A 307 -3.22 9.58 -14.38
N ALA A 308 -3.19 10.23 -15.56
CA ALA A 308 -2.09 10.11 -16.52
C ALA A 308 -0.91 11.02 -16.15
N CYS A 309 -0.19 10.64 -15.09
CA CYS A 309 0.94 11.40 -14.55
C CYS A 309 2.13 10.48 -14.25
N LEU A 310 3.33 11.07 -14.35
CA LEU A 310 4.57 10.48 -13.87
C LEU A 310 4.80 10.98 -12.44
N SER A 311 4.57 10.12 -11.44
CA SER A 311 4.64 10.52 -10.02
C SER A 311 4.63 9.27 -9.13
N HIS A 312 4.38 9.43 -7.81
CA HIS A 312 4.44 8.29 -6.87
C HIS A 312 3.79 8.62 -5.53
N GLU A 313 2.76 7.86 -5.11
CA GLU A 313 1.91 8.06 -3.91
C GLU A 313 0.99 9.27 -4.10
N ILE A 314 -0.13 9.31 -3.36
CA ILE A 314 -1.08 10.43 -3.36
C ILE A 314 -1.64 10.71 -1.96
N ILE A 315 -1.99 9.67 -1.21
CA ILE A 315 -3.04 9.90 -0.23
C ILE A 315 -2.54 10.65 1.04
N ILE A 316 -1.25 10.59 1.44
CA ILE A 316 -0.81 11.34 2.65
C ILE A 316 -0.09 12.65 2.31
N ARG A 317 -0.13 13.08 1.05
CA ARG A 317 0.43 14.38 0.67
C ARG A 317 -0.54 15.51 1.03
N SER A 318 -0.02 16.62 1.53
CA SER A 318 -0.93 17.70 1.96
C SER A 318 -1.74 18.30 0.81
N HIS A 319 -1.20 18.32 -0.41
CA HIS A 319 -1.91 18.86 -1.57
C HIS A 319 -2.58 17.77 -2.39
N TRP A 320 -2.96 16.66 -1.73
CA TRP A 320 -3.59 15.53 -2.41
C TRP A 320 -4.90 15.90 -3.10
N THR A 321 -5.59 16.98 -2.69
CA THR A 321 -6.87 17.35 -3.29
C THR A 321 -6.74 17.98 -4.67
N ASP A 322 -5.53 18.38 -5.09
CA ASP A 322 -5.38 19.16 -6.33
C ASP A 322 -5.64 18.35 -7.60
N VAL A 323 -5.28 17.08 -7.65
N VAL A 323 -5.30 17.06 -7.63
CA VAL A 323 -5.38 16.37 -8.94
CA VAL A 323 -5.38 16.29 -8.87
C VAL A 323 -6.82 15.97 -9.19
C VAL A 323 -6.85 15.96 -9.17
N GLN A 324 -7.23 16.04 -10.45
CA GLN A 324 -8.61 15.68 -10.86
C GLN A 324 -8.55 14.80 -12.10
N VAL A 325 -9.49 13.85 -12.21
CA VAL A 325 -9.71 13.06 -13.44
C VAL A 325 -11.13 13.41 -13.91
N LYS A 326 -11.25 13.86 -15.18
CA LYS A 326 -12.56 14.24 -15.71
C LYS A 326 -13.25 15.25 -14.79
N GLY A 327 -12.48 16.13 -14.17
CA GLY A 327 -13.08 17.14 -13.32
C GLY A 327 -13.46 16.72 -11.91
N THR A 328 -13.08 15.53 -11.44
CA THR A 328 -13.41 15.05 -10.09
C THR A 328 -12.13 14.75 -9.32
N SER A 329 -12.03 15.29 -8.11
CA SER A 329 -10.86 15.07 -7.25
C SER A 329 -10.96 13.69 -6.54
N LEU A 330 -9.84 13.18 -6.00
CA LEU A 330 -9.85 11.95 -5.20
C LEU A 330 -10.70 12.05 -3.93
N PRO A 331 -10.60 13.10 -3.10
CA PRO A 331 -11.51 13.17 -1.95
C PRO A 331 -12.99 13.11 -2.36
N ARG A 332 -13.37 13.74 -3.50
CA ARG A 332 -14.75 13.60 -4.00
C ARG A 332 -15.08 12.14 -4.38
N ALA A 333 -14.19 11.47 -5.15
CA ALA A 333 -14.47 10.08 -5.55
C ALA A 333 -14.59 9.15 -4.35
N LEU A 334 -13.78 9.37 -3.30
CA LEU A 334 -13.89 8.53 -2.08
C LEU A 334 -15.23 8.77 -1.36
N HIS A 335 -15.66 10.05 -1.28
CA HIS A 335 -16.99 10.37 -0.77
C HIS A 335 -18.09 9.67 -1.59
N CYS A 336 -17.95 9.67 -2.92
CA CYS A 336 -18.94 8.97 -3.75
C CYS A 336 -18.94 7.46 -3.48
N TRP A 337 -17.73 6.90 -3.25
CA TRP A 337 -17.61 5.50 -2.88
C TRP A 337 -18.36 5.20 -1.58
N ASP A 338 -18.18 6.03 -0.56
CA ASP A 338 -18.95 5.89 0.69
C ASP A 338 -20.45 5.84 0.40
N ARG A 339 -20.95 6.77 -0.43
CA ARG A 339 -22.39 6.79 -0.73
C ARG A 339 -22.83 5.51 -1.46
N SER A 340 -21.99 5.01 -2.39
CA SER A 340 -22.29 3.76 -3.13
C SER A 340 -22.42 2.54 -2.22
N LEU A 341 -21.78 2.57 -1.04
CA LEU A 341 -21.77 1.43 -0.11
C LEU A 341 -22.79 1.61 1.00
N HIS A 342 -23.60 2.67 0.97
CA HIS A 342 -24.76 2.76 1.87
C HIS A 342 -25.71 1.58 1.68
N PRO A 351 -25.50 3.56 -10.21
CA PRO A 351 -24.60 4.71 -10.11
C PRO A 351 -25.30 6.00 -9.67
N LEU A 352 -24.51 6.94 -9.17
CA LEU A 352 -25.00 8.17 -8.54
C LEU A 352 -24.82 9.36 -9.48
N LYS A 353 -25.87 10.17 -9.62
CA LYS A 353 -25.84 11.33 -10.49
C LYS A 353 -24.73 12.33 -10.12
N GLY A 354 -23.82 12.57 -11.04
CA GLY A 354 -22.72 13.49 -10.79
C GLY A 354 -21.76 13.11 -9.67
N CYS A 355 -21.70 11.83 -9.24
CA CYS A 355 -20.78 11.50 -8.13
C CYS A 355 -20.15 10.16 -8.54
N PRO A 356 -19.15 10.22 -9.41
CA PRO A 356 -18.57 8.99 -9.98
C PRO A 356 -17.53 8.36 -9.07
N VAL A 357 -17.32 7.05 -9.29
CA VAL A 357 -16.41 6.24 -8.49
C VAL A 357 -15.33 5.57 -9.36
N HIS A 358 -15.52 5.47 -10.71
CA HIS A 358 -14.55 4.88 -11.64
C HIS A 358 -13.98 6.00 -12.50
N LEU A 359 -12.71 6.37 -12.24
CA LEU A 359 -12.09 7.59 -12.85
C LEU A 359 -10.71 7.22 -13.41
N VAL A 360 -10.63 6.86 -14.69
CA VAL A 360 -9.35 6.43 -15.30
C VAL A 360 -9.08 7.33 -16.50
N ASP A 361 -7.91 8.00 -16.53
CA ASP A 361 -7.60 8.85 -17.69
C ASP A 361 -7.41 8.01 -18.96
N SER A 362 -7.75 8.61 -20.11
CA SER A 362 -7.55 7.94 -21.40
C SER A 362 -6.48 8.58 -22.26
N CYS A 363 -5.93 9.72 -21.87
CA CYS A 363 -4.89 10.35 -22.69
C CYS A 363 -3.53 9.62 -22.49
N PRO A 364 -2.66 9.62 -23.50
CA PRO A 364 -1.66 8.53 -23.58
C PRO A 364 -0.25 8.84 -23.09
N TRP A 365 0.02 10.03 -22.51
CA TRP A 365 1.40 10.49 -22.22
C TRP A 365 1.46 11.22 -20.87
N PRO A 366 2.49 10.97 -20.04
CA PRO A 366 2.55 11.72 -18.78
C PRO A 366 2.41 13.24 -18.88
N HIS A 367 1.45 13.72 -18.10
CA HIS A 367 1.15 15.10 -17.73
C HIS A 367 0.22 15.59 -18.89
N CYS A 368 -0.40 14.67 -19.70
CA CYS A 368 -1.50 15.07 -20.59
C CYS A 368 -2.76 15.49 -19.83
N ASN A 369 -2.82 15.18 -18.53
CA ASN A 369 -3.76 15.76 -17.57
C ASN A 369 -3.13 17.01 -16.94
N PRO A 370 -3.72 18.20 -17.12
CA PRO A 370 -3.05 19.44 -16.63
C PRO A 370 -2.99 19.54 -15.10
N SER A 371 -3.75 18.74 -14.35
CA SER A 371 -3.75 18.80 -12.89
C SER A 371 -2.69 17.91 -12.23
N CYS A 372 -1.83 17.25 -13.03
CA CYS A 372 -0.77 16.42 -12.49
C CYS A 372 0.15 17.23 -11.55
N PRO A 373 0.74 16.56 -10.54
CA PRO A 373 1.71 17.25 -9.66
C PRO A 373 2.90 17.79 -10.44
N THR A 374 3.31 19.01 -10.10
CA THR A 374 4.32 19.70 -10.91
C THR A 374 5.70 19.13 -10.68
N GLY A 375 6.05 18.05 -8.06
CA GLY A 375 7.43 18.05 -8.52
C GLY A 375 8.18 19.27 -8.02
N THR A 376 7.50 20.39 -7.91
CA THR A 376 8.10 21.59 -7.29
C THR A 376 8.28 21.36 -5.80
S SO4 B . 17.52 6.30 9.84
O1 SO4 B . 16.18 5.86 9.50
O2 SO4 B . 17.64 6.32 11.32
O3 SO4 B . 18.56 5.42 9.24
O4 SO4 B . 17.72 7.65 9.34
C1 NAG C . 1.48 -12.38 20.90
C2 NAG C . 0.41 -13.33 21.47
C3 NAG C . 0.68 -14.77 21.03
C4 NAG C . 0.86 -14.84 19.52
C5 NAG C . 1.95 -13.88 19.08
C6 NAG C . 2.15 -13.84 17.58
C7 NAG C . -0.74 -13.11 23.64
C8 NAG C . -0.58 -13.05 25.13
N2 NAG C . 0.39 -13.26 22.93
O3 NAG C . -0.42 -15.59 21.42
O4 NAG C . 1.17 -16.17 19.10
O5 NAG C . 1.57 -12.55 19.49
O6 NAG C . 0.99 -13.36 16.92
O7 NAG C . -1.84 -13.02 23.10
S SO4 D . 20.11 -14.65 7.77
O1 SO4 D . 19.44 -13.35 7.75
O2 SO4 D . 19.50 -15.50 8.75
O3 SO4 D . 19.81 -15.35 6.51
O4 SO4 D . 21.58 -14.52 7.91
S SO4 E . 17.22 5.69 -23.26
O1 SO4 E . 16.41 6.91 -23.21
O2 SO4 E . 17.07 4.97 -22.02
O3 SO4 E . 18.66 6.07 -23.41
O4 SO4 E . 16.82 4.87 -24.43
N1 AWP F . 14.15 1.59 -5.60
N3 AWP F . 7.21 -3.23 -5.22
C4 AWP F . 12.06 1.33 -4.47
C5 AWP F . 11.87 0.09 -5.06
C6 AWP F . 10.64 -0.73 -4.76
C7 AWP F . 9.55 -0.49 -5.77
C8 AWP F . 8.35 -2.62 -5.68
C10 AWP F . 6.61 -4.65 -7.09
C13 AWP F . 5.05 -6.30 -5.27
C1 AWP F . 12.84 -0.37 -5.91
C2 AWP F . 13.97 0.40 -6.16
C3 AWP F . 13.20 2.04 -4.77
N2 AWP F . 8.37 -1.30 -5.49
O1 AWP F . 9.27 -3.26 -6.21
C9 AWP F . 6.85 -4.58 -5.59
C11 AWP F . 6.05 -6.01 -7.51
C12 AWP F . 4.76 -6.27 -6.75
C14 AWP F . 5.62 -4.97 -4.79
C1 EDO G . 8.04 2.06 -2.57
O1 EDO G . 7.54 1.32 -1.42
C2 EDO G . 8.82 3.21 -2.11
O2 EDO G . 7.87 4.12 -1.59
C1 EDO H . -16.82 -10.09 21.48
O1 EDO H . -18.12 -10.58 21.69
C2 EDO H . -15.99 -10.01 22.75
O2 EDO H . -14.79 -9.61 22.10
C1 EDO I . -14.10 -6.96 -3.98
O1 EDO I . -15.49 -6.92 -3.71
C2 EDO I . -13.76 -5.88 -4.98
O2 EDO I . -13.94 -4.49 -4.48
C1 EDO J . -18.37 9.92 12.21
O1 EDO J . -18.53 11.13 11.48
C2 EDO J . -19.58 9.02 12.09
O2 EDO J . -19.58 8.02 13.11
C1 EDO K . 8.63 -8.09 -13.98
O1 EDO K . 9.07 -8.23 -12.61
C2 EDO K . 8.70 -6.60 -14.32
O2 EDO K . 8.18 -5.93 -13.17
C1 EDO L . 9.41 6.49 12.29
O1 EDO L . 9.46 7.30 11.11
C2 EDO L . 7.97 6.15 12.59
O2 EDO L . 7.40 7.39 13.02
C1 EDO M . 1.72 10.72 7.98
O1 EDO M . 0.69 11.71 7.87
C2 EDO M . 1.81 10.41 9.46
O2 EDO M . 2.66 11.36 10.09
C1 EDO N . -15.88 13.65 7.59
O1 EDO N . -15.16 12.89 8.57
C2 EDO N . -16.83 12.85 6.72
O2 EDO N . -17.36 11.75 7.43
#